data_8SJP
#
_entry.id   8SJP
#
_cell.length_a   100.632
_cell.length_b   100.632
_cell.length_c   72.676
_cell.angle_alpha   90.000
_cell.angle_beta   90.000
_cell.angle_gamma   120.000
#
_symmetry.space_group_name_H-M   'P 32'
#
loop_
_entity.id
_entity.type
_entity.pdbx_description
1 polymer "DNA (5'-D(*CP*AP*GP*CP*TP*GP*AP*CP*CP*TP*GP*AP*CP*TP*CP*AP*CP*A)-3')"
2 polymer "DNA (5'-D(P*CP*GP*AP*TP*GP*GP*AP*CP*AP*GP*GP*GP*G)-3')"
3 polymer "DNA (5'-D(P*TP*GP*TP*GP*AP*GP*TP*CP*AP*CP*CP*AP*TP*CP*G)-3')"
4 polymer "DNA (5'-D(*TP*GP*CP*TP*CP*CP*TP*GP*TP*GP*GP*TP*CP*AP*GP*C)-3')"
#
loop_
_entity_poly.entity_id
_entity_poly.type
_entity_poly.pdbx_seq_one_letter_code
_entity_poly.pdbx_strand_id
1 'polydeoxyribonucleotide' (DC)(DA)(DG)(DC)(DT)(DG)(DA)(DC)(DC)(DT)(DG)(DA)(DC)(DT)(DC)(DA)(DC)(DA) A
2 'polydeoxyribonucleotide' (DC)(DG)(DA)(DT)(DG)(DG)(DA)(DC)(DA)(DG)(DG)(DG)(DG) B
3 'polydeoxyribonucleotide' (DT)(DG)(DT)(DG)(DA)(DG)(DT)(DC)(DA)(DC)(DC)(DA)(DT)(DC)(DG) C
4 'polydeoxyribonucleotide' (DT)(DG)(DC)(DT)(DC)(DC)(DT)(DG)(DT)(DG)(DG)(DT)(DC)(DA)(DG)(DC) D
#
loop_
_chem_comp.id
_chem_comp.type
_chem_comp.name
_chem_comp.formula
DA DNA linking 2'-DEOXYADENOSINE-5'-MONOPHOSPHATE 'C10 H14 N5 O6 P'
DC DNA linking 2'-DEOXYCYTIDINE-5'-MONOPHOSPHATE 'C9 H14 N3 O7 P'
DG DNA linking 2'-DEOXYGUANOSINE-5'-MONOPHOSPHATE 'C10 H14 N5 O7 P'
DT DNA linking THYMIDINE-5'-MONOPHOSPHATE 'C10 H15 N2 O8 P'
#